data_4YWH
#
_entry.id   4YWH
#
_cell.length_a   80.796
_cell.length_b   37.670
_cell.length_c   105.336
_cell.angle_alpha   90.000
_cell.angle_beta   91.500
_cell.angle_gamma   90.000
#
_symmetry.space_group_name_H-M   'P 1 21 1'
#
loop_
_entity.id
_entity.type
_entity.pdbx_description
1 polymer 'ABC TRANSPORTER SOLUTE BINDING PROTEIN'
2 non-polymer beta-D-xylopyranose
3 water water
#
_entity_poly.entity_id   1
_entity_poly.type   'polypeptide(L)'
_entity_poly.pdbx_seq_one_letter_code
;(MSE)HHHHHHSSGVDLGTENLYFQS(MSE)KDLTIG(MSE)SIDDLRLERWQKDRDIFVKKAESLGAKVLVQSANGDDS
AQISQIEN(MSE)LNKNVDVLVIIPHNGDVLSNVISEAKKEGVKVLAYDRLINNADLDFYVSFDNEKVGELQADAIIKEK
PEGNYFL(MSE)GGSPVDNNAKLFRKGQ(MSE)KVLQPLIDSGKIKVVGDQWVDSWLAEKALQI(MSE)ENALTANKNNI
DAVVASNDATAGGAIQALSAQGLSGKVAISGQDADLAAIKRIVEGTQT(MSE)TVYKPITNLADKAAELSVALGKEEKLE
PNAKLNNGLKEVDAYLLDPIVVTKDNIDSTVIKDGFHSKEAVYK
;
_entity_poly.pdbx_strand_id   A,B
#
# COMPACT_ATOMS: atom_id res chain seq x y z
N LYS A 24 -21.30 -28.26 45.33
CA LYS A 24 -22.39 -28.27 44.36
C LYS A 24 -21.91 -28.70 42.98
N ASP A 25 -22.76 -29.45 42.30
CA ASP A 25 -22.60 -29.72 40.88
C ASP A 25 -22.88 -28.47 40.06
N LEU A 26 -22.18 -28.36 38.95
CA LEU A 26 -22.26 -27.14 38.15
C LEU A 26 -22.74 -27.40 36.77
N THR A 27 -23.80 -26.69 36.34
CA THR A 27 -24.20 -26.74 34.94
C THR A 27 -24.08 -25.37 34.26
N ILE A 28 -23.41 -25.37 33.12
CA ILE A 28 -23.20 -24.18 32.30
C ILE A 28 -24.10 -24.21 31.08
N GLY A 29 -24.79 -23.10 30.89
CA GLY A 29 -25.66 -22.95 29.74
C GLY A 29 -24.94 -22.08 28.73
N SER A 31 -25.24 -20.27 25.12
CA SER A 31 -26.12 -19.79 24.06
C SER A 31 -25.28 -19.11 23.00
N ILE A 32 -25.32 -19.59 21.76
CA ILE A 32 -24.49 -19.01 20.71
C ILE A 32 -25.33 -18.52 19.54
N ASP A 33 -24.72 -17.63 18.75
CA ASP A 33 -25.36 -16.93 17.63
C ASP A 33 -25.69 -17.88 16.47
N ASP A 34 -24.64 -18.31 15.75
CA ASP A 34 -24.74 -19.33 14.67
C ASP A 34 -23.41 -20.06 14.53
N LEU A 35 -23.34 -20.99 13.58
CA LEU A 35 -22.14 -21.73 13.30
C LEU A 35 -21.70 -21.50 11.86
N ARG A 36 -21.95 -20.29 11.37
CA ARG A 36 -21.56 -19.87 10.03
C ARG A 36 -20.09 -19.48 9.90
N LEU A 37 -19.56 -18.70 10.83
CA LEU A 37 -18.15 -18.35 10.79
C LEU A 37 -17.33 -19.55 11.29
N GLU A 38 -16.24 -19.87 10.60
CA GLU A 38 -15.41 -21.03 10.93
C GLU A 38 -15.02 -21.13 12.41
N ARG A 39 -14.76 -20.01 13.05
CA ARG A 39 -14.29 -20.01 14.41
C ARG A 39 -15.26 -20.56 15.46
N TRP A 40 -16.58 -20.44 15.28
CA TRP A 40 -17.49 -20.70 16.42
C TRP A 40 -17.56 -22.20 16.80
N GLN A 41 -17.43 -23.07 15.80
CA GLN A 41 -17.29 -24.52 16.00
C GLN A 41 -16.18 -24.84 16.98
N LYS A 42 -15.05 -24.16 16.81
CA LYS A 42 -13.88 -24.37 17.66
C LYS A 42 -14.05 -23.72 19.02
N ASP A 43 -14.67 -22.53 19.06
CA ASP A 43 -15.02 -21.94 20.35
C ASP A 43 -15.82 -22.98 21.10
N ARG A 44 -16.98 -23.37 20.54
CA ARG A 44 -17.87 -24.27 21.26
C ARG A 44 -17.14 -25.56 21.75
N ASP A 45 -16.51 -26.29 20.83
CA ASP A 45 -15.87 -27.58 21.14
C ASP A 45 -14.74 -27.46 22.15
N ILE A 46 -13.86 -26.48 21.97
CA ILE A 46 -12.78 -26.27 22.93
C ILE A 46 -13.36 -25.93 24.33
N PHE A 47 -14.33 -25.03 24.40
CA PHE A 47 -14.91 -24.64 25.69
C PHE A 47 -15.62 -25.82 26.45
N VAL A 48 -16.48 -26.54 25.74
CA VAL A 48 -17.09 -27.73 26.26
C VAL A 48 -16.03 -28.70 26.81
N LYS A 49 -14.97 -28.95 26.05
CA LYS A 49 -14.00 -29.95 26.47
C LYS A 49 -13.39 -29.52 27.78
N LYS A 50 -13.09 -28.24 27.87
CA LYS A 50 -12.40 -27.72 29.03
C LYS A 50 -13.33 -27.66 30.25
N ALA A 51 -14.52 -27.12 30.07
CA ALA A 51 -15.43 -26.96 31.18
C ALA A 51 -15.81 -28.32 31.75
N GLU A 52 -15.91 -29.31 30.87
CA GLU A 52 -16.13 -30.70 31.25
C GLU A 52 -14.92 -31.29 32.00
N SER A 53 -13.71 -30.86 31.67
CA SER A 53 -12.51 -31.25 32.41
C SER A 53 -12.51 -30.76 33.85
N LEU A 54 -13.29 -29.72 34.09
CA LEU A 54 -13.40 -29.09 35.40
C LEU A 54 -14.68 -29.59 36.09
N GLY A 55 -15.32 -30.58 35.47
CA GLY A 55 -16.42 -31.30 36.12
C GLY A 55 -17.81 -30.74 35.91
N ALA A 56 -17.94 -29.78 34.99
CA ALA A 56 -19.23 -29.17 34.71
C ALA A 56 -19.96 -29.95 33.63
N LYS A 57 -21.26 -29.77 33.58
CA LYS A 57 -22.11 -30.29 32.51
C LYS A 57 -22.38 -29.05 31.69
N VAL A 58 -22.21 -29.14 30.37
CA VAL A 58 -22.48 -27.99 29.47
C VAL A 58 -23.69 -28.30 28.61
N LEU A 59 -24.71 -27.46 28.66
CA LEU A 59 -25.73 -27.47 27.63
C LEU A 59 -25.29 -26.42 26.61
N VAL A 60 -25.57 -26.66 25.34
CA VAL A 60 -25.17 -25.74 24.27
C VAL A 60 -26.30 -25.62 23.25
N GLN A 61 -26.59 -24.40 22.82
CA GLN A 61 -27.70 -24.19 21.86
C GLN A 61 -27.37 -23.03 20.92
N SER A 62 -27.62 -23.24 19.62
CA SER A 62 -27.36 -22.22 18.60
C SER A 62 -28.63 -21.59 18.06
N ALA A 63 -28.69 -20.27 18.03
CA ALA A 63 -29.91 -19.59 17.63
C ALA A 63 -30.01 -19.46 16.11
N ASN A 64 -28.94 -19.83 15.41
CA ASN A 64 -28.89 -19.73 13.96
C ASN A 64 -29.23 -18.32 13.44
N GLY A 65 -28.87 -17.28 14.21
CA GLY A 65 -29.06 -15.90 13.78
C GLY A 65 -30.39 -15.29 14.17
N ASP A 66 -31.28 -16.09 14.78
CA ASP A 66 -32.60 -15.59 15.19
C ASP A 66 -32.61 -15.11 16.64
N ASP A 67 -32.97 -13.84 16.79
CA ASP A 67 -32.95 -13.18 18.08
C ASP A 67 -33.92 -13.89 19.01
N SER A 68 -35.14 -14.08 18.54
CA SER A 68 -36.22 -14.58 19.39
C SER A 68 -35.96 -16.03 19.81
N ALA A 69 -35.35 -16.76 18.90
CA ALA A 69 -34.82 -18.07 19.11
C ALA A 69 -33.74 -18.05 20.18
N GLN A 70 -32.84 -17.08 20.12
CA GLN A 70 -31.82 -17.02 21.18
C GLN A 70 -32.49 -16.88 22.54
N ILE A 71 -33.44 -15.97 22.60
CA ILE A 71 -34.13 -15.68 23.84
C ILE A 71 -34.74 -16.95 24.39
N SER A 72 -35.48 -17.65 23.54
CA SER A 72 -36.13 -18.89 23.92
C SER A 72 -35.11 -19.93 24.43
N GLN A 73 -34.00 -20.04 23.73
CA GLN A 73 -32.99 -20.99 24.18
C GLN A 73 -32.40 -20.59 25.50
N ILE A 74 -32.25 -19.29 25.77
CA ILE A 74 -31.69 -18.90 27.06
C ILE A 74 -32.69 -19.29 28.16
N GLU A 75 -33.97 -19.03 27.91
CA GLU A 75 -35.07 -19.41 28.82
C GLU A 75 -35.20 -20.92 29.07
N ASN A 76 -34.96 -21.71 28.05
CA ASN A 76 -34.93 -23.15 28.19
C ASN A 76 -33.85 -23.58 29.19
N LEU A 78 -32.49 -21.62 31.52
CA LEU A 78 -32.86 -21.11 32.85
C LEU A 78 -33.80 -22.07 33.54
N ASN A 79 -34.74 -22.62 32.75
CA ASN A 79 -35.69 -23.63 33.21
C ASN A 79 -35.05 -24.95 33.63
N LYS A 80 -33.91 -25.25 33.03
CA LYS A 80 -33.13 -26.43 33.42
C LYS A 80 -32.18 -26.11 34.58
N ASN A 81 -32.34 -24.93 35.20
CA ASN A 81 -31.55 -24.50 36.37
C ASN A 81 -30.03 -24.49 36.22
N VAL A 82 -29.53 -24.00 35.10
CA VAL A 82 -28.10 -23.83 34.96
C VAL A 82 -27.59 -22.83 35.99
N ASP A 83 -26.32 -22.93 36.32
CA ASP A 83 -25.76 -22.04 37.34
C ASP A 83 -25.07 -20.84 36.70
N VAL A 84 -24.57 -21.06 35.49
CA VAL A 84 -23.89 -20.03 34.72
C VAL A 84 -24.38 -20.03 33.29
N LEU A 85 -24.59 -18.82 32.77
CA LEU A 85 -24.96 -18.62 31.39
C LEU A 85 -23.79 -18.02 30.70
N VAL A 86 -23.38 -18.66 29.62
CA VAL A 86 -22.33 -18.15 28.76
C VAL A 86 -23.00 -17.80 27.45
N ILE A 87 -23.08 -16.53 27.11
CA ILE A 87 -23.77 -16.10 25.91
C ILE A 87 -22.86 -15.46 24.88
N ILE A 88 -23.03 -15.86 23.62
CA ILE A 88 -22.51 -15.16 22.45
C ILE A 88 -23.71 -14.55 21.73
N PRO A 89 -23.98 -13.27 21.96
CA PRO A 89 -25.20 -12.63 21.44
C PRO A 89 -25.21 -12.47 19.93
N HIS A 90 -26.37 -12.62 19.29
CA HIS A 90 -26.51 -12.20 17.89
C HIS A 90 -26.68 -10.71 17.86
N ASN A 91 -27.50 -10.24 18.78
CA ASN A 91 -27.88 -8.85 18.87
C ASN A 91 -27.66 -8.46 20.30
N GLY A 92 -26.67 -7.61 20.53
CA GLY A 92 -26.30 -7.28 21.89
C GLY A 92 -27.27 -6.36 22.59
N ASP A 93 -28.35 -5.95 21.92
CA ASP A 93 -29.30 -5.00 22.50
C ASP A 93 -30.64 -5.63 22.83
N VAL A 94 -30.80 -6.94 22.63
CA VAL A 94 -32.14 -7.52 22.79
C VAL A 94 -32.25 -8.53 23.92
N LEU A 95 -31.23 -8.62 24.78
CA LEU A 95 -31.15 -9.69 25.78
C LEU A 95 -31.26 -9.23 27.21
N SER A 96 -31.48 -7.92 27.38
CA SER A 96 -31.48 -7.28 28.69
C SER A 96 -32.46 -7.91 29.64
N ASN A 97 -33.66 -8.15 29.12
CA ASN A 97 -34.75 -8.65 29.92
C ASN A 97 -34.52 -10.06 30.39
N VAL A 98 -34.16 -10.94 29.46
CA VAL A 98 -34.00 -12.35 29.75
C VAL A 98 -32.80 -12.53 30.70
N ILE A 99 -31.84 -11.61 30.62
CA ILE A 99 -30.69 -11.67 31.53
C ILE A 99 -31.09 -11.22 32.94
N SER A 100 -31.92 -10.21 33.07
CA SER A 100 -32.38 -9.79 34.40
C SER A 100 -33.22 -10.89 35.05
N GLU A 101 -33.95 -11.66 34.25
CA GLU A 101 -34.70 -12.78 34.78
C GLU A 101 -33.75 -13.85 35.31
N ALA A 102 -32.63 -14.08 34.62
CA ALA A 102 -31.57 -14.99 35.12
C ALA A 102 -31.01 -14.55 36.47
N LYS A 103 -30.75 -13.26 36.58
CA LYS A 103 -30.23 -12.69 37.80
C LYS A 103 -31.15 -12.84 38.99
N LYS A 104 -32.45 -12.68 38.76
CA LYS A 104 -33.44 -12.90 39.79
C LYS A 104 -33.34 -14.35 40.31
N GLU A 105 -32.93 -15.26 39.44
CA GLU A 105 -32.86 -16.68 39.84
C GLU A 105 -31.46 -17.12 40.30
N GLY A 106 -30.55 -16.17 40.47
CA GLY A 106 -29.25 -16.46 41.05
C GLY A 106 -28.25 -16.98 40.04
N VAL A 107 -28.54 -16.79 38.75
CA VAL A 107 -27.67 -17.32 37.68
C VAL A 107 -26.59 -16.33 37.31
N LYS A 108 -25.37 -16.84 37.14
CA LYS A 108 -24.24 -16.00 36.77
C LYS A 108 -24.22 -15.87 35.25
N VAL A 109 -23.91 -14.67 34.76
CA VAL A 109 -23.96 -14.41 33.32
C VAL A 109 -22.64 -13.88 32.75
N LEU A 110 -21.98 -14.70 31.93
CA LEU A 110 -20.73 -14.35 31.29
C LEU A 110 -20.99 -14.15 29.81
N ALA A 111 -20.72 -12.92 29.36
CA ALA A 111 -20.71 -12.61 27.94
C ALA A 111 -19.43 -13.07 27.22
N TYR A 112 -19.61 -13.85 26.16
CA TYR A 112 -18.49 -14.45 25.43
C TYR A 112 -18.17 -13.73 24.09
N ASP A 113 -16.94 -13.23 23.96
CA ASP A 113 -16.47 -12.50 22.76
C ASP A 113 -17.21 -11.15 22.46
N ARG A 114 -18.53 -11.17 22.28
CA ARG A 114 -19.31 -9.96 22.03
C ARG A 114 -20.01 -9.52 23.29
N LEU A 115 -19.85 -8.25 23.61
CA LEU A 115 -20.46 -7.66 24.79
C LEU A 115 -21.97 -7.51 24.60
N ILE A 116 -22.70 -7.57 25.71
CA ILE A 116 -24.15 -7.41 25.71
C ILE A 116 -24.47 -6.12 26.47
N ASN A 117 -25.27 -5.27 25.84
CA ASN A 117 -25.41 -3.91 26.33
C ASN A 117 -26.62 -3.80 27.24
N ASN A 118 -26.55 -2.92 28.23
CA ASN A 118 -27.67 -2.60 29.11
C ASN A 118 -28.15 -3.83 29.85
N ALA A 119 -27.21 -4.72 30.11
CA ALA A 119 -27.49 -5.97 30.77
C ALA A 119 -26.79 -6.03 32.10
N ASP A 120 -27.36 -6.78 33.04
CA ASP A 120 -26.74 -7.03 34.32
C ASP A 120 -25.75 -8.19 34.17
N LEU A 121 -24.67 -7.95 33.42
CA LEU A 121 -23.60 -8.93 33.28
C LEU A 121 -22.70 -9.04 34.49
N ASP A 122 -22.21 -10.24 34.72
CA ASP A 122 -21.20 -10.49 35.75
C ASP A 122 -19.77 -10.29 35.23
N PHE A 123 -19.56 -10.56 33.95
CA PHE A 123 -18.21 -10.58 33.42
C PHE A 123 -18.24 -10.74 31.88
N TYR A 124 -17.14 -10.37 31.24
CA TYR A 124 -17.04 -10.32 29.79
C TYR A 124 -15.66 -10.79 29.42
N VAL A 125 -15.56 -11.70 28.46
CA VAL A 125 -14.27 -12.24 28.08
C VAL A 125 -14.19 -12.19 26.58
N SER A 126 -13.06 -11.71 26.08
CA SER A 126 -12.91 -11.43 24.66
C SER A 126 -11.46 -11.07 24.34
N PHE A 127 -11.21 -10.70 23.11
CA PHE A 127 -9.95 -10.12 22.75
C PHE A 127 -10.05 -8.60 22.87
N ASP A 128 -8.91 -7.91 22.87
CA ASP A 128 -8.88 -6.47 22.68
C ASP A 128 -9.37 -6.12 21.25
N ASN A 129 -10.67 -5.89 21.10
CA ASN A 129 -11.25 -5.71 19.79
C ASN A 129 -10.97 -4.36 19.14
N GLU A 130 -10.86 -3.33 19.95
CA GLU A 130 -10.34 -2.06 19.50
C GLU A 130 -8.92 -2.21 18.93
N LYS A 131 -8.08 -3.00 19.58
CA LYS A 131 -6.70 -3.20 19.09
C LYS A 131 -6.73 -3.94 17.76
N VAL A 132 -7.61 -4.94 17.64
CA VAL A 132 -7.81 -5.64 16.37
C VAL A 132 -8.03 -4.65 15.21
N GLY A 133 -9.00 -3.72 15.39
CA GLY A 133 -9.31 -2.73 14.36
C GLY A 133 -8.07 -1.98 13.92
N GLU A 134 -7.33 -1.52 14.91
CA GLU A 134 -6.15 -0.70 14.65
C GLU A 134 -5.09 -1.50 13.86
N LEU A 135 -4.90 -2.75 14.24
CA LEU A 135 -3.99 -3.61 13.50
C LEU A 135 -4.38 -3.77 12.05
N GLN A 136 -5.69 -3.96 11.82
CA GLN A 136 -6.19 -4.06 10.46
C GLN A 136 -5.82 -2.79 9.68
N ALA A 137 -6.07 -1.60 10.23
CA ALA A 137 -5.85 -0.39 9.47
C ALA A 137 -4.36 -0.14 9.25
N ASP A 138 -3.57 -0.34 10.30
CA ASP A 138 -2.11 -0.21 10.25
C ASP A 138 -1.53 -0.93 9.03
N ALA A 139 -1.96 -2.17 8.81
CA ALA A 139 -1.45 -3.04 7.74
C ALA A 139 -1.93 -2.64 6.37
N ILE A 140 -3.09 -2.01 6.32
CA ILE A 140 -3.65 -1.58 5.06
C ILE A 140 -3.03 -0.25 4.65
N ILE A 141 -2.94 0.72 5.56
CA ILE A 141 -2.30 1.98 5.16
C ILE A 141 -0.81 1.75 4.90
N LYS A 142 -0.27 0.62 5.33
CA LYS A 142 1.09 0.25 4.94
C LYS A 142 1.11 -0.18 3.48
N GLU A 143 0.18 -1.04 3.10
CA GLU A 143 0.09 -1.58 1.74
C GLU A 143 -0.34 -0.52 0.71
N LYS A 144 -1.26 0.36 1.12
CA LYS A 144 -1.77 1.45 0.28
C LYS A 144 -1.82 2.79 1.02
N PRO A 145 -0.67 3.49 1.13
CA PRO A 145 -0.56 4.76 1.89
C PRO A 145 -1.38 5.95 1.33
N GLU A 146 -1.83 5.85 0.09
CA GLU A 146 -2.72 6.85 -0.51
C GLU A 146 -3.80 6.15 -1.30
N GLY A 147 -4.93 6.83 -1.47
CA GLY A 147 -5.94 6.41 -2.45
C GLY A 147 -7.35 6.33 -1.96
N ASN A 148 -8.17 5.65 -2.76
CA ASN A 148 -9.57 5.44 -2.47
C ASN A 148 -9.83 4.20 -1.58
N TYR A 149 -10.43 4.45 -0.41
CA TYR A 149 -10.67 3.44 0.64
C TYR A 149 -12.17 3.11 0.86
N PHE A 150 -12.50 1.82 0.81
CA PHE A 150 -13.82 1.38 1.19
C PHE A 150 -13.84 0.67 2.57
N LEU A 151 -14.73 1.12 3.47
CA LEU A 151 -14.81 0.58 4.83
C LEU A 151 -16.01 -0.34 4.93
N GLY A 153 -17.80 -2.47 7.41
CA GLY A 153 -18.05 -2.79 8.81
C GLY A 153 -18.64 -4.18 8.96
N GLY A 154 -18.64 -4.65 10.20
CA GLY A 154 -19.27 -5.90 10.56
C GLY A 154 -20.77 -5.79 10.70
N SER A 155 -21.36 -6.72 11.43
CA SER A 155 -22.80 -6.68 11.66
C SER A 155 -23.18 -5.47 12.49
N PRO A 156 -24.18 -4.73 12.02
CA PRO A 156 -24.56 -3.55 12.79
C PRO A 156 -25.04 -3.85 14.23
N VAL A 157 -25.41 -5.08 14.58
CA VAL A 157 -25.94 -5.35 15.93
C VAL A 157 -24.95 -6.15 16.77
N ASP A 158 -23.68 -6.13 16.35
CA ASP A 158 -22.59 -6.69 17.14
C ASP A 158 -21.68 -5.58 17.69
N ASN A 159 -21.52 -5.55 19.00
CA ASN A 159 -20.78 -4.47 19.64
C ASN A 159 -19.35 -4.45 19.11
N ASN A 160 -18.84 -5.62 18.81
CA ASN A 160 -17.48 -5.74 18.27
C ASN A 160 -17.24 -5.00 16.96
N ALA A 161 -18.29 -4.94 16.13
CA ALA A 161 -18.21 -4.28 14.82
C ALA A 161 -17.92 -2.79 15.01
N LYS A 162 -18.45 -2.21 16.07
CA LYS A 162 -18.26 -0.80 16.36
C LYS A 162 -16.86 -0.60 16.92
N LEU A 163 -16.37 -1.56 17.66
CA LEU A 163 -15.06 -1.45 18.27
C LEU A 163 -13.95 -1.59 17.26
N PHE A 164 -14.19 -2.47 16.28
CA PHE A 164 -13.23 -2.67 15.19
C PHE A 164 -13.12 -1.36 14.42
N ARG A 165 -14.26 -0.77 14.18
CA ARG A 165 -14.30 0.45 13.40
C ARG A 165 -13.59 1.52 14.18
N LYS A 166 -13.82 1.53 15.48
CA LYS A 166 -13.27 2.61 16.30
C LYS A 166 -11.74 2.55 16.22
N GLY A 167 -11.19 1.35 16.24
CA GLY A 167 -9.76 1.16 16.16
C GLY A 167 -9.26 1.45 14.76
N GLN A 168 -10.08 1.14 13.76
CA GLN A 168 -9.69 1.38 12.38
C GLN A 168 -9.49 2.86 12.16
N LYS A 170 -9.02 5.43 14.44
CA LYS A 170 -7.87 6.00 15.13
C LYS A 170 -6.66 6.14 14.19
N VAL A 171 -6.38 5.06 13.46
CA VAL A 171 -5.32 5.01 12.47
C VAL A 171 -5.65 5.80 11.20
N LEU A 172 -6.82 5.53 10.61
CA LEU A 172 -7.17 6.08 9.33
C LEU A 172 -7.41 7.60 9.33
N GLN A 173 -7.86 8.14 10.46
CA GLN A 173 -8.34 9.52 10.49
C GLN A 173 -7.27 10.53 10.12
N PRO A 174 -6.06 10.38 10.69
CA PRO A 174 -5.05 11.40 10.40
C PRO A 174 -4.77 11.56 8.89
N LEU A 175 -5.04 10.51 8.14
CA LEU A 175 -4.76 10.48 6.70
C LEU A 175 -5.94 10.95 5.86
N ILE A 176 -7.13 10.95 6.47
CA ILE A 176 -8.35 11.47 5.88
C ILE A 176 -8.22 13.00 5.92
N ASP A 177 -7.87 13.49 7.12
CA ASP A 177 -7.66 14.92 7.42
C ASP A 177 -6.46 15.58 6.70
N SER A 178 -5.53 14.79 6.17
CA SER A 178 -4.43 15.32 5.35
C SER A 178 -4.74 15.06 3.88
N GLY A 179 -5.89 14.42 3.63
CA GLY A 179 -6.34 14.19 2.27
C GLY A 179 -5.47 13.22 1.50
N LYS A 180 -4.65 12.46 2.21
CA LYS A 180 -3.84 11.42 1.59
C LYS A 180 -4.75 10.22 1.27
N ILE A 181 -5.83 10.10 2.04
CA ILE A 181 -6.81 9.03 1.88
C ILE A 181 -8.18 9.68 1.70
N LYS A 182 -9.02 9.01 0.91
CA LYS A 182 -10.41 9.40 0.66
C LYS A 182 -11.27 8.17 0.83
N VAL A 183 -12.32 8.28 1.64
CA VAL A 183 -13.24 7.19 1.92
C VAL A 183 -14.35 7.31 0.90
N VAL A 184 -14.57 6.27 0.08
CA VAL A 184 -15.54 6.36 -1.03
C VAL A 184 -16.75 5.46 -0.81
N GLY A 185 -16.72 4.70 0.27
CA GLY A 185 -17.88 3.96 0.72
C GLY A 185 -17.74 3.61 2.19
N ASP A 186 -18.86 3.27 2.84
CA ASP A 186 -18.89 2.82 4.22
C ASP A 186 -20.19 2.05 4.51
N GLN A 187 -20.10 0.73 4.51
CA GLN A 187 -21.28 -0.11 4.64
C GLN A 187 -21.06 -1.17 5.72
N TRP A 188 -22.08 -1.46 6.50
CA TRP A 188 -22.03 -2.56 7.48
C TRP A 188 -22.69 -3.78 6.87
N VAL A 189 -22.15 -4.95 7.18
CA VAL A 189 -22.62 -6.18 6.55
C VAL A 189 -23.47 -6.94 7.53
N ASP A 190 -24.78 -7.01 7.27
CA ASP A 190 -25.73 -7.68 8.15
C ASP A 190 -25.24 -9.03 8.58
N SER A 191 -25.17 -9.24 9.89
CA SER A 191 -24.88 -10.56 10.47
C SER A 191 -23.58 -11.19 9.91
N TRP A 192 -22.66 -10.38 9.43
CA TRP A 192 -21.36 -10.88 9.02
C TRP A 192 -21.40 -11.86 7.85
N LEU A 193 -22.52 -11.91 7.12
CA LEU A 193 -22.69 -12.87 6.02
C LEU A 193 -21.79 -12.56 4.82
N ALA A 194 -21.12 -13.58 4.33
CA ALA A 194 -20.19 -13.42 3.25
C ALA A 194 -20.90 -12.98 1.96
N GLU A 195 -22.10 -13.48 1.74
CA GLU A 195 -22.82 -13.18 0.51
C GLU A 195 -23.32 -11.73 0.51
N LYS A 196 -23.61 -11.17 1.67
CA LYS A 196 -24.03 -9.76 1.72
C LYS A 196 -22.83 -8.87 1.51
N ALA A 197 -21.66 -9.36 1.92
CA ALA A 197 -20.40 -8.65 1.68
C ALA A 197 -20.08 -8.62 0.19
N LEU A 198 -20.29 -9.75 -0.50
CA LEU A 198 -20.13 -9.81 -1.94
C LEU A 198 -21.01 -8.79 -2.62
N GLN A 199 -22.30 -8.80 -2.32
CA GLN A 199 -23.25 -7.91 -2.96
C GLN A 199 -22.82 -6.43 -2.80
N ILE A 200 -22.50 -6.05 -1.58
CA ILE A 200 -22.07 -4.70 -1.24
C ILE A 200 -20.84 -4.25 -2.04
N GLU A 202 -19.60 -5.77 -4.96
CA GLU A 202 -20.09 -5.76 -6.32
C GLU A 202 -20.68 -4.39 -6.67
N ASN A 203 -21.49 -3.85 -5.76
CA ASN A 203 -22.20 -2.58 -6.00
C ASN A 203 -21.25 -1.41 -5.86
N ALA A 204 -20.34 -1.52 -4.88
CA ALA A 204 -19.33 -0.50 -4.66
C ALA A 204 -18.41 -0.27 -5.87
N LEU A 205 -17.93 -1.35 -6.42
CA LEU A 205 -17.02 -1.34 -7.54
C LEU A 205 -17.68 -0.72 -8.72
N THR A 206 -18.95 -1.05 -8.88
CA THR A 206 -19.71 -0.52 -9.97
C THR A 206 -19.86 0.99 -9.82
N ALA A 207 -20.22 1.43 -8.62
CA ALA A 207 -20.54 2.84 -8.39
C ALA A 207 -19.32 3.71 -8.50
N ASN A 208 -18.15 3.11 -8.28
CA ASN A 208 -16.88 3.81 -8.29
C ASN A 208 -16.09 3.56 -9.56
N LYS A 209 -16.74 2.91 -10.51
CA LYS A 209 -16.05 2.46 -11.71
C LYS A 209 -14.73 1.77 -11.32
N ASN A 210 -14.79 0.91 -10.31
CA ASN A 210 -13.65 0.08 -9.92
C ASN A 210 -12.46 0.88 -9.45
N ASN A 211 -12.63 2.16 -9.20
CA ASN A 211 -11.55 2.93 -8.58
C ASN A 211 -11.61 2.82 -7.08
N ILE A 212 -11.31 1.63 -6.58
CA ILE A 212 -11.03 1.45 -5.16
C ILE A 212 -9.69 0.75 -5.00
N ASP A 213 -8.85 1.31 -4.13
CA ASP A 213 -7.49 0.80 -3.85
C ASP A 213 -7.40 -0.15 -2.65
N ALA A 214 -8.17 0.15 -1.62
CA ALA A 214 -8.12 -0.65 -0.41
C ALA A 214 -9.51 -0.85 0.16
N VAL A 215 -9.68 -1.98 0.82
CA VAL A 215 -10.92 -2.36 1.47
C VAL A 215 -10.65 -2.74 2.91
N VAL A 216 -11.07 -1.90 3.85
CA VAL A 216 -10.98 -2.24 5.27
C VAL A 216 -12.18 -3.08 5.62
N ALA A 217 -12.05 -4.38 5.40
CA ALA A 217 -13.07 -5.34 5.80
C ALA A 217 -12.74 -5.88 7.17
N SER A 218 -13.77 -6.07 7.97
CA SER A 218 -13.59 -6.36 9.38
C SER A 218 -13.43 -7.83 9.75
N ASN A 219 -13.77 -8.80 8.90
CA ASN A 219 -13.40 -10.20 9.22
C ASN A 219 -13.17 -11.04 7.98
N ASP A 220 -12.74 -12.30 8.14
CA ASP A 220 -12.34 -13.12 6.97
C ASP A 220 -13.52 -13.51 6.07
N ALA A 221 -14.66 -13.83 6.66
CA ALA A 221 -15.77 -14.34 5.87
C ALA A 221 -16.24 -13.25 4.89
N THR A 222 -16.21 -12.00 5.33
CA THR A 222 -16.65 -10.89 4.50
C THR A 222 -15.58 -10.42 3.52
N ALA A 223 -14.29 -10.34 3.92
CA ALA A 223 -13.20 -10.12 2.96
C ALA A 223 -13.37 -11.06 1.76
N GLY A 224 -13.56 -12.35 2.08
CA GLY A 224 -13.69 -13.39 1.07
C GLY A 224 -14.84 -13.15 0.11
N GLY A 225 -15.93 -12.63 0.67
CA GLY A 225 -17.07 -12.18 -0.12
C GLY A 225 -16.67 -11.07 -1.08
N ALA A 226 -16.00 -10.08 -0.53
CA ALA A 226 -15.58 -8.91 -1.27
C ALA A 226 -14.59 -9.32 -2.34
N ILE A 227 -13.69 -10.25 -2.01
CA ILE A 227 -12.66 -10.69 -2.96
C ILE A 227 -13.19 -11.43 -4.18
N GLN A 228 -14.28 -12.18 -4.00
CA GLN A 228 -14.91 -12.78 -5.17
C GLN A 228 -15.45 -11.71 -6.11
N ALA A 229 -15.94 -10.61 -5.54
CA ALA A 229 -16.38 -9.44 -6.33
C ALA A 229 -15.20 -8.74 -7.01
N LEU A 230 -14.11 -8.57 -6.28
CA LEU A 230 -12.88 -8.04 -6.86
C LEU A 230 -12.40 -8.92 -8.00
N SER A 231 -12.40 -10.23 -7.78
CA SER A 231 -11.87 -11.16 -8.79
C SER A 231 -12.67 -11.19 -10.09
N ALA A 232 -13.97 -10.91 -9.99
CA ALA A 232 -14.87 -10.81 -11.13
C ALA A 232 -14.53 -9.64 -12.04
N GLN A 233 -13.88 -8.65 -11.44
CA GLN A 233 -13.45 -7.46 -12.14
C GLN A 233 -11.96 -7.45 -12.38
N GLY A 234 -11.30 -8.57 -12.12
CA GLY A 234 -9.86 -8.63 -12.36
C GLY A 234 -9.04 -7.80 -11.36
N LEU A 235 -9.50 -7.73 -10.11
CA LEU A 235 -8.89 -6.82 -9.14
C LEU A 235 -8.34 -7.55 -7.95
N SER A 236 -8.67 -8.83 -7.81
CA SER A 236 -8.16 -9.58 -6.67
C SER A 236 -6.65 -9.63 -6.80
N GLY A 237 -5.94 -9.37 -5.70
CA GLY A 237 -4.49 -9.30 -5.74
C GLY A 237 -3.98 -7.89 -5.97
N LYS A 238 -4.86 -6.99 -6.40
CA LYS A 238 -4.47 -5.61 -6.75
C LYS A 238 -5.06 -4.60 -5.78
N VAL A 239 -6.07 -5.03 -5.03
CA VAL A 239 -6.69 -4.19 -4.00
C VAL A 239 -6.31 -4.71 -2.60
N ALA A 240 -5.90 -3.83 -1.71
CA ALA A 240 -5.51 -4.27 -0.36
C ALA A 240 -6.76 -4.49 0.47
N ILE A 241 -6.82 -5.61 1.16
CA ILE A 241 -7.97 -5.95 1.97
C ILE A 241 -7.58 -6.67 3.26
N SER A 242 -8.28 -6.33 4.32
CA SER A 242 -8.00 -6.86 5.65
C SER A 242 -8.98 -7.96 6.07
N GLY A 243 -8.72 -8.57 7.21
CA GLY A 243 -9.60 -9.62 7.74
C GLY A 243 -9.29 -10.02 9.18
N GLN A 244 -10.01 -11.00 9.69
CA GLN A 244 -9.69 -11.55 11.02
C GLN A 244 -10.38 -12.88 11.23
N ASP A 245 -9.76 -13.70 12.10
CA ASP A 245 -10.15 -15.07 12.52
C ASP A 245 -9.16 -16.11 12.00
N ALA A 246 -8.35 -15.72 11.02
CA ALA A 246 -7.48 -16.64 10.30
C ALA A 246 -8.19 -17.90 9.86
N ASP A 247 -9.32 -17.74 9.19
CA ASP A 247 -9.96 -18.88 8.56
C ASP A 247 -8.96 -19.57 7.60
N LEU A 248 -9.03 -20.89 7.46
CA LEU A 248 -8.10 -21.57 6.59
C LEU A 248 -8.09 -20.92 5.20
N ALA A 249 -9.29 -20.63 4.68
CA ALA A 249 -9.49 -20.00 3.37
C ALA A 249 -8.76 -18.66 3.28
N ALA A 250 -8.66 -17.94 4.39
CA ALA A 250 -8.06 -16.61 4.43
C ALA A 250 -6.55 -16.72 4.44
N ILE A 251 -6.07 -17.69 5.17
CA ILE A 251 -4.66 -18.03 5.14
C ILE A 251 -4.21 -18.34 3.70
N LYS A 252 -4.92 -19.21 3.00
CA LYS A 252 -4.52 -19.56 1.64
C LYS A 252 -4.55 -18.34 0.74
N ARG A 253 -5.51 -17.43 0.98
CA ARG A 253 -5.65 -16.19 0.20
C ARG A 253 -4.45 -15.27 0.41
N ILE A 254 -4.03 -15.16 1.66
CA ILE A 254 -2.83 -14.42 2.02
C ILE A 254 -1.61 -15.03 1.34
N VAL A 255 -1.57 -16.35 1.32
CA VAL A 255 -0.50 -17.08 0.63
C VAL A 255 -0.54 -16.74 -0.86
N GLU A 256 -1.72 -16.78 -1.47
CA GLU A 256 -1.88 -16.59 -2.93
C GLU A 256 -1.75 -15.11 -3.36
N GLY A 257 -1.73 -14.19 -2.39
CA GLY A 257 -1.56 -12.77 -2.64
C GLY A 257 -2.86 -11.98 -2.76
N THR A 258 -3.95 -12.62 -2.39
CA THR A 258 -5.31 -12.11 -2.61
C THR A 258 -5.86 -11.27 -1.43
N GLN A 259 -5.41 -11.59 -0.22
CA GLN A 259 -5.81 -10.88 0.98
C GLN A 259 -4.56 -10.35 1.66
N THR A 260 -4.61 -9.12 2.15
CA THR A 260 -3.39 -8.53 2.64
C THR A 260 -2.98 -9.14 3.98
N THR A 262 -4.69 -10.96 8.00
CA THR A 262 -5.78 -11.34 8.86
C THR A 262 -5.28 -11.19 10.29
N VAL A 263 -6.20 -11.11 11.22
CA VAL A 263 -5.84 -11.06 12.61
C VAL A 263 -6.16 -12.43 13.22
N TYR A 264 -5.11 -13.05 13.76
CA TYR A 264 -5.18 -14.30 14.48
C TYR A 264 -5.50 -14.10 15.95
N LYS A 265 -6.55 -14.80 16.38
CA LYS A 265 -7.06 -14.76 17.75
C LYS A 265 -7.11 -16.20 18.26
N PRO A 266 -6.04 -16.66 18.95
CA PRO A 266 -5.97 -18.05 19.43
C PRO A 266 -7.25 -18.45 20.16
N ILE A 267 -8.09 -19.25 19.52
CA ILE A 267 -9.37 -19.59 20.11
C ILE A 267 -9.23 -20.42 21.40
N THR A 268 -8.28 -21.34 21.43
CA THR A 268 -8.02 -22.17 22.59
C THR A 268 -7.83 -21.33 23.83
N ASN A 269 -7.02 -20.28 23.74
CA ASN A 269 -6.78 -19.48 24.93
C ASN A 269 -8.05 -18.79 25.39
N LEU A 270 -8.86 -18.29 24.47
CA LEU A 270 -10.10 -17.66 24.88
C LEU A 270 -11.07 -18.66 25.49
N ALA A 271 -11.31 -19.77 24.77
CA ALA A 271 -12.28 -20.76 25.24
C ALA A 271 -11.88 -21.33 26.60
N ASP A 272 -10.57 -21.54 26.80
CA ASP A 272 -10.07 -22.08 28.04
C ASP A 272 -10.29 -21.14 29.21
N LYS A 273 -10.06 -19.86 28.96
CA LYS A 273 -10.21 -18.85 29.99
C LYS A 273 -11.69 -18.72 30.33
N ALA A 274 -12.56 -18.68 29.32
CA ALA A 274 -14.01 -18.63 29.60
C ALA A 274 -14.44 -19.81 30.44
N ALA A 275 -13.88 -20.99 30.14
CA ALA A 275 -14.19 -22.19 30.92
C ALA A 275 -13.78 -21.95 32.37
N GLU A 276 -12.52 -21.60 32.59
CA GLU A 276 -12.08 -21.30 33.95
C GLU A 276 -12.95 -20.24 34.63
N LEU A 277 -13.34 -19.21 33.89
CA LEU A 277 -14.15 -18.14 34.48
C LEU A 277 -15.57 -18.58 34.83
N SER A 278 -16.14 -19.43 34.00
CA SER A 278 -17.46 -20.01 34.23
C SER A 278 -17.46 -20.77 35.55
N VAL A 279 -16.40 -21.50 35.78
CA VAL A 279 -16.29 -22.34 36.95
C VAL A 279 -16.11 -21.48 38.21
N ALA A 280 -15.27 -20.46 38.09
CA ALA A 280 -15.05 -19.46 39.15
C ALA A 280 -16.31 -18.66 39.58
N LEU A 281 -17.10 -18.21 38.61
CA LEU A 281 -18.40 -17.61 38.86
C LEU A 281 -19.38 -18.55 39.58
N GLY A 282 -19.19 -19.85 39.39
CA GLY A 282 -20.07 -20.86 39.98
C GLY A 282 -19.72 -21.15 41.42
N LYS A 283 -18.43 -21.07 41.74
CA LYS A 283 -17.96 -21.14 43.11
C LYS A 283 -17.94 -19.73 43.75
N GLU A 284 -18.46 -18.74 43.05
CA GLU A 284 -18.47 -17.40 43.61
C GLU A 284 -17.06 -16.95 44.03
N GLU A 285 -16.06 -17.21 43.17
CA GLU A 285 -14.68 -16.85 43.46
C GLU A 285 -14.52 -15.37 43.13
N LYS A 286 -13.52 -14.71 43.72
CA LYS A 286 -13.19 -13.35 43.31
C LYS A 286 -12.39 -13.44 42.03
N LEU A 287 -12.90 -12.81 40.97
CA LEU A 287 -12.26 -12.84 39.67
C LEU A 287 -11.19 -11.76 39.56
N GLU A 288 -10.30 -11.92 38.59
CA GLU A 288 -9.21 -10.97 38.36
C GLU A 288 -9.28 -10.32 36.96
N PRO A 289 -10.08 -9.25 36.80
CA PRO A 289 -10.25 -8.59 35.50
C PRO A 289 -9.02 -7.77 35.13
N ASN A 290 -8.81 -7.48 33.84
CA ASN A 290 -7.67 -6.68 33.39
C ASN A 290 -8.14 -5.48 32.53
N ALA A 291 -9.47 -5.32 32.50
CA ALA A 291 -10.21 -4.21 31.86
C ALA A 291 -11.60 -4.08 32.52
N LYS A 292 -12.23 -2.94 32.31
CA LYS A 292 -13.64 -2.71 32.66
C LYS A 292 -14.28 -2.02 31.50
N LEU A 293 -15.50 -2.41 31.14
CA LEU A 293 -16.18 -1.89 29.94
C LEU A 293 -17.58 -1.43 30.25
N ASN A 294 -17.86 -0.18 29.96
CA ASN A 294 -19.19 0.33 30.23
C ASN A 294 -20.19 -0.12 29.17
N ASN A 295 -21.20 -0.89 29.60
CA ASN A 295 -22.20 -1.41 28.68
C ASN A 295 -23.50 -0.62 28.68
N GLY A 296 -23.51 0.52 29.36
CA GLY A 296 -24.70 1.36 29.40
C GLY A 296 -25.51 1.28 30.68
N LEU A 297 -25.48 0.11 31.31
CA LEU A 297 -26.13 -0.08 32.61
C LEU A 297 -25.08 -0.02 33.71
N LYS A 298 -23.87 -0.47 33.38
CA LYS A 298 -22.86 -0.69 34.40
C LYS A 298 -21.52 -0.87 33.73
N GLU A 299 -20.44 -0.76 34.51
CA GLU A 299 -19.16 -1.12 33.98
C GLU A 299 -19.00 -2.63 34.28
N VAL A 300 -18.77 -3.42 33.23
CA VAL A 300 -18.65 -4.88 33.34
C VAL A 300 -17.19 -5.28 33.53
N ASP A 301 -16.89 -6.02 34.58
CA ASP A 301 -15.55 -6.60 34.75
C ASP A 301 -15.21 -7.40 33.50
N ALA A 302 -13.98 -7.27 33.00
CA ALA A 302 -13.65 -7.94 31.75
C ALA A 302 -12.23 -8.46 31.68
N TYR A 303 -12.02 -9.47 30.84
CA TYR A 303 -10.69 -9.99 30.60
C TYR A 303 -10.47 -10.06 29.11
N LEU A 304 -9.45 -9.33 28.64
CA LEU A 304 -9.18 -9.17 27.22
C LEU A 304 -7.82 -9.82 26.86
N LEU A 305 -7.84 -10.69 25.86
CA LEU A 305 -6.64 -11.30 25.30
C LEU A 305 -6.08 -10.46 24.14
N ASP A 306 -4.80 -10.67 23.89
CA ASP A 306 -4.09 -9.90 22.88
C ASP A 306 -4.18 -10.60 21.52
N PRO A 307 -4.50 -9.85 20.46
CA PRO A 307 -4.56 -10.41 19.10
C PRO A 307 -3.21 -10.41 18.37
N ILE A 308 -3.11 -11.17 17.29
CA ILE A 308 -1.86 -11.28 16.53
C ILE A 308 -2.08 -11.03 15.04
N VAL A 309 -1.30 -10.10 14.49
CA VAL A 309 -1.23 -9.82 13.04
C VAL A 309 -0.62 -10.97 12.26
N VAL A 310 -1.34 -11.51 11.29
CA VAL A 310 -0.76 -12.50 10.39
C VAL A 310 -0.61 -11.91 8.98
N THR A 311 0.61 -11.95 8.46
CA THR A 311 0.95 -11.53 7.10
C THR A 311 1.49 -12.77 6.35
N LYS A 312 1.83 -12.64 5.07
CA LYS A 312 2.42 -13.76 4.34
C LYS A 312 3.75 -14.24 4.93
N ASP A 313 4.48 -13.37 5.61
CA ASP A 313 5.80 -13.74 6.11
C ASP A 313 5.81 -14.58 7.37
N ASN A 314 4.79 -14.42 8.19
CA ASN A 314 4.83 -15.00 9.52
C ASN A 314 3.73 -16.04 9.73
N ILE A 315 3.19 -16.56 8.64
CA ILE A 315 2.17 -17.62 8.71
C ILE A 315 2.77 -18.79 9.43
N ASP A 316 4.08 -18.95 9.23
CA ASP A 316 4.80 -20.05 9.83
C ASP A 316 5.16 -19.75 11.31
N SER A 317 5.50 -18.49 11.60
CA SER A 317 5.79 -18.10 12.99
C SER A 317 4.57 -18.29 13.89
N THR A 318 3.36 -18.21 13.33
CA THR A 318 2.14 -18.06 14.15
C THR A 318 1.11 -19.19 14.04
N VAL A 319 0.34 -19.19 12.97
CA VAL A 319 -0.74 -20.13 12.80
C VAL A 319 -0.30 -21.60 12.66
N ILE A 320 0.74 -21.92 11.86
CA ILE A 320 1.19 -23.32 11.80
C ILE A 320 1.94 -23.67 13.10
N LYS A 321 2.62 -22.69 13.70
CA LYS A 321 3.41 -22.92 14.90
C LYS A 321 2.52 -23.43 16.05
N ASP A 322 1.32 -22.87 16.14
CA ASP A 322 0.36 -23.17 17.21
C ASP A 322 -0.53 -24.38 16.93
N GLY A 323 -0.40 -24.97 15.75
CA GLY A 323 -1.28 -26.06 15.37
C GLY A 323 -2.70 -25.62 15.03
N PHE A 324 -2.91 -24.33 14.78
CA PHE A 324 -4.24 -23.82 14.43
C PHE A 324 -4.69 -24.37 13.10
N HIS A 325 -3.74 -24.28 12.15
CA HIS A 325 -3.75 -24.98 10.87
C HIS A 325 -2.43 -25.72 10.64
N SER A 326 -2.49 -26.91 10.04
CA SER A 326 -1.29 -27.68 9.70
C SER A 326 -0.70 -27.22 8.37
N LYS A 327 0.58 -27.46 8.20
CA LYS A 327 1.25 -26.98 7.00
C LYS A 327 0.67 -27.73 5.80
N GLU A 328 0.18 -28.94 6.04
CA GLU A 328 -0.50 -29.73 5.02
C GLU A 328 -1.81 -29.04 4.56
N ALA A 329 -2.61 -28.60 5.51
CA ALA A 329 -3.83 -27.88 5.23
C ALA A 329 -3.56 -26.62 4.44
N VAL A 330 -2.49 -25.91 4.80
CA VAL A 330 -2.26 -24.59 4.25
C VAL A 330 -1.73 -24.66 2.83
N TYR A 331 -0.70 -25.47 2.64
CA TYR A 331 0.08 -25.48 1.40
C TYR A 331 -0.31 -26.62 0.43
N LYS A 332 -0.45 -27.83 0.94
CA LYS A 332 -0.88 -28.94 0.09
C LYS A 332 -2.39 -28.86 -0.18
N ASP B 25 8.36 42.33 -24.98
CA ASP B 25 8.28 41.07 -25.70
C ASP B 25 9.27 40.04 -25.13
N LEU B 26 8.89 38.77 -25.23
CA LEU B 26 9.69 37.72 -24.64
C LEU B 26 10.29 36.77 -25.64
N THR B 27 11.59 36.55 -25.47
CA THR B 27 12.31 35.50 -26.19
C THR B 27 12.95 34.50 -25.23
N ILE B 28 12.60 33.23 -25.40
CA ILE B 28 13.16 32.14 -24.57
C ILE B 28 14.10 31.27 -25.38
N GLY B 29 15.28 31.01 -24.83
CA GLY B 29 16.25 30.14 -25.46
C GLY B 29 16.32 28.80 -24.74
N SER B 31 18.07 25.25 -24.60
CA SER B 31 19.23 24.49 -24.98
C SER B 31 19.10 23.06 -24.47
N ILE B 32 18.99 22.08 -25.39
CA ILE B 32 18.70 20.73 -24.99
C ILE B 32 19.89 19.83 -25.32
N ASP B 33 19.92 18.68 -24.66
CA ASP B 33 21.00 17.72 -24.70
C ASP B 33 20.95 16.96 -26.02
N ASP B 34 20.12 15.92 -26.10
CA ASP B 34 19.82 15.30 -27.40
C ASP B 34 18.35 14.97 -27.54
N LEU B 35 18.02 14.21 -28.59
CA LEU B 35 16.69 13.68 -28.79
C LEU B 35 16.73 12.16 -28.98
N ARG B 36 17.71 11.51 -28.36
CA ARG B 36 17.89 10.08 -28.49
C ARG B 36 16.91 9.28 -27.62
N LEU B 37 16.60 9.81 -26.44
CA LEU B 37 15.53 9.31 -25.58
C LEU B 37 14.16 9.83 -26.04
N GLU B 38 13.16 8.96 -26.00
CA GLU B 38 11.82 9.25 -26.55
C GLU B 38 11.13 10.48 -25.94
N ARG B 39 11.51 10.86 -24.72
CA ARG B 39 10.74 11.87 -24.01
C ARG B 39 11.13 13.30 -24.43
N TRP B 40 12.37 13.47 -24.86
CA TRP B 40 12.91 14.80 -25.15
C TRP B 40 12.20 15.53 -26.31
N GLN B 41 11.75 14.75 -27.29
CA GLN B 41 10.91 15.26 -28.37
C GLN B 41 9.60 15.87 -27.82
N LYS B 42 8.98 15.15 -26.90
CA LYS B 42 7.74 15.58 -26.28
C LYS B 42 8.00 16.78 -25.38
N ASP B 43 9.08 16.76 -24.60
CA ASP B 43 9.29 17.89 -23.66
C ASP B 43 9.34 19.11 -24.55
N ARG B 44 10.16 19.03 -25.58
CA ARG B 44 10.40 20.16 -26.47
C ARG B 44 9.12 20.74 -27.08
N ASP B 45 8.43 19.92 -27.83
CA ASP B 45 7.26 20.42 -28.58
C ASP B 45 6.19 20.96 -27.63
N ILE B 46 6.01 20.28 -26.50
CA ILE B 46 5.02 20.71 -25.54
C ILE B 46 5.43 22.02 -24.88
N PHE B 47 6.71 22.17 -24.52
CA PHE B 47 7.16 23.42 -23.91
C PHE B 47 6.99 24.62 -24.87
N VAL B 48 7.41 24.41 -26.12
CA VAL B 48 7.27 25.42 -27.15
C VAL B 48 5.80 25.85 -27.36
N LYS B 49 4.88 24.90 -27.34
CA LYS B 49 3.46 25.20 -27.56
C LYS B 49 2.95 26.10 -26.44
N LYS B 50 3.32 25.75 -25.22
CA LYS B 50 2.81 26.43 -24.04
C LYS B 50 3.40 27.81 -23.92
N ALA B 51 4.69 27.93 -24.21
CA ALA B 51 5.40 29.23 -24.19
C ALA B 51 4.85 30.23 -25.20
N GLU B 52 4.77 29.77 -26.44
CA GLU B 52 4.21 30.57 -27.50
C GLU B 52 2.81 31.00 -27.15
N SER B 53 2.05 30.10 -26.54
CA SER B 53 0.68 30.43 -26.12
C SER B 53 0.66 31.50 -25.05
N LEU B 54 1.80 31.73 -24.40
CA LEU B 54 1.87 32.73 -23.36
C LEU B 54 2.47 34.01 -23.92
N GLY B 55 2.81 34.00 -25.21
CA GLY B 55 3.30 35.17 -25.92
C GLY B 55 4.80 35.24 -26.16
N ALA B 56 5.51 34.13 -26.01
CA ALA B 56 6.97 34.11 -26.13
C ALA B 56 7.45 33.45 -27.41
N LYS B 57 8.58 33.91 -27.92
CA LYS B 57 9.21 33.25 -29.04
C LYS B 57 10.25 32.27 -28.43
N VAL B 58 10.31 31.04 -28.94
CA VAL B 58 11.32 30.10 -28.48
C VAL B 58 12.33 29.69 -29.53
N LEU B 59 13.60 29.75 -29.12
CA LEU B 59 14.75 29.30 -29.88
C LEU B 59 15.29 27.98 -29.33
N VAL B 60 15.18 26.90 -30.10
CA VAL B 60 15.61 25.59 -29.64
C VAL B 60 16.86 25.10 -30.34
N GLN B 61 17.87 24.71 -29.57
CA GLN B 61 19.06 24.09 -30.13
C GLN B 61 19.41 22.86 -29.33
N SER B 62 19.94 21.88 -30.04
CA SER B 62 20.27 20.61 -29.46
C SER B 62 21.75 20.37 -29.66
N ALA B 63 22.45 19.97 -28.59
CA ALA B 63 23.90 19.87 -28.61
C ALA B 63 24.34 18.49 -29.02
N ASN B 64 23.34 17.64 -29.25
CA ASN B 64 23.56 16.25 -29.63
C ASN B 64 24.60 15.58 -28.72
N GLY B 65 24.50 15.79 -27.40
CA GLY B 65 25.38 15.09 -26.48
C GLY B 65 26.82 15.61 -26.38
N ASP B 66 27.16 16.68 -27.10
CA ASP B 66 28.50 17.30 -27.03
C ASP B 66 28.52 18.55 -26.12
N ASP B 67 29.36 18.58 -25.08
CA ASP B 67 29.37 19.70 -24.11
C ASP B 67 29.82 21.00 -24.74
N SER B 68 30.86 20.92 -25.58
CA SER B 68 31.36 22.09 -26.31
C SER B 68 30.26 22.76 -27.11
N ALA B 69 29.52 21.98 -27.88
CA ALA B 69 28.33 22.47 -28.57
C ALA B 69 27.33 23.15 -27.65
N GLN B 70 26.95 22.48 -26.56
CA GLN B 70 25.94 23.03 -25.66
C GLN B 70 26.34 24.43 -25.25
N ILE B 71 27.64 24.57 -24.96
CA ILE B 71 28.16 25.85 -24.50
C ILE B 71 28.11 26.91 -25.61
N SER B 72 28.55 26.54 -26.81
CA SER B 72 28.42 27.39 -28.00
C SER B 72 27.00 27.85 -28.26
N GLN B 73 26.06 26.92 -28.17
CA GLN B 73 24.69 27.25 -28.50
C GLN B 73 24.09 28.20 -27.48
N ILE B 74 24.42 27.99 -26.21
CA ILE B 74 24.02 28.91 -25.15
C ILE B 74 24.62 30.28 -25.40
N GLU B 75 25.90 30.32 -25.79
CA GLU B 75 26.57 31.57 -26.11
C GLU B 75 25.85 32.26 -27.26
N ASN B 76 25.50 31.49 -28.28
CA ASN B 76 24.72 31.97 -29.43
C ASN B 76 23.43 32.63 -28.93
N LEU B 78 22.76 33.98 -26.13
CA LEU B 78 23.00 35.26 -25.46
C LEU B 78 23.18 36.40 -26.48
N ASN B 79 23.81 36.11 -27.61
CA ASN B 79 23.99 37.12 -28.64
C ASN B 79 22.67 37.46 -29.33
N LYS B 80 21.73 36.53 -29.31
CA LYS B 80 20.40 36.74 -29.89
C LYS B 80 19.41 37.32 -28.87
N ASN B 81 19.95 37.82 -27.76
CA ASN B 81 19.21 38.60 -26.78
C ASN B 81 18.02 37.88 -26.20
N VAL B 82 18.19 36.60 -25.90
CA VAL B 82 17.15 35.88 -25.18
C VAL B 82 17.07 36.50 -23.81
N ASP B 83 15.85 36.50 -23.26
CA ASP B 83 15.56 37.04 -21.94
C ASP B 83 15.60 35.86 -20.95
N VAL B 84 15.32 34.65 -21.46
CA VAL B 84 15.34 33.48 -20.60
C VAL B 84 15.99 32.28 -21.28
N LEU B 85 16.84 31.63 -20.50
CA LEU B 85 17.51 30.41 -20.88
C LEU B 85 16.90 29.23 -20.13
N VAL B 86 16.53 28.20 -20.89
CA VAL B 86 16.02 26.97 -20.34
C VAL B 86 17.04 25.95 -20.78
N ILE B 87 17.63 25.21 -19.84
CA ILE B 87 18.74 24.32 -20.17
C ILE B 87 18.50 22.95 -19.62
N ILE B 88 18.52 21.97 -20.54
CA ILE B 88 18.68 20.55 -20.20
C ILE B 88 20.14 20.14 -20.38
N PRO B 89 20.92 20.11 -19.29
CA PRO B 89 22.36 19.89 -19.50
C PRO B 89 22.64 18.49 -19.91
N HIS B 90 23.54 18.34 -20.88
CA HIS B 90 24.19 17.07 -21.00
C HIS B 90 25.05 16.74 -19.77
N ASN B 91 25.91 17.68 -19.35
CA ASN B 91 26.86 17.45 -18.24
C ASN B 91 26.73 18.60 -17.25
N GLY B 92 26.26 18.26 -16.06
CA GLY B 92 25.85 19.28 -15.10
C GLY B 92 26.98 19.99 -14.38
N ASP B 93 28.22 19.60 -14.69
CA ASP B 93 29.41 20.23 -14.07
C ASP B 93 30.22 21.17 -14.99
N VAL B 94 29.76 21.44 -16.23
CA VAL B 94 30.58 22.24 -17.19
C VAL B 94 29.96 23.55 -17.67
N LEU B 95 28.82 23.95 -17.10
CA LEU B 95 28.08 25.08 -17.63
C LEU B 95 28.10 26.29 -16.71
N SER B 96 28.93 26.26 -15.69
CA SER B 96 28.93 27.31 -14.70
C SER B 96 29.38 28.64 -15.26
N ASN B 97 30.44 28.60 -16.06
CA ASN B 97 31.00 29.81 -16.64
C ASN B 97 30.03 30.46 -17.56
N VAL B 98 29.46 29.68 -18.45
CA VAL B 98 28.56 30.30 -19.43
C VAL B 98 27.29 30.76 -18.74
N ILE B 99 26.89 30.10 -17.67
CA ILE B 99 25.71 30.55 -16.92
C ILE B 99 25.99 31.84 -16.19
N SER B 100 27.24 32.04 -15.75
CA SER B 100 27.66 33.32 -15.11
C SER B 100 27.56 34.50 -16.08
N GLU B 101 28.18 34.36 -17.24
CA GLU B 101 27.90 35.21 -18.39
C GLU B 101 26.38 35.54 -18.52
N ALA B 102 25.48 34.56 -18.66
CA ALA B 102 24.05 34.86 -18.90
C ALA B 102 23.50 35.74 -17.80
N LYS B 103 23.96 35.47 -16.59
CA LYS B 103 23.44 36.16 -15.44
C LYS B 103 23.92 37.61 -15.40
N LYS B 104 25.22 37.82 -15.59
CA LYS B 104 25.79 39.16 -15.62
C LYS B 104 25.04 40.02 -16.66
N GLU B 105 24.67 39.39 -17.77
CA GLU B 105 23.98 40.06 -18.89
C GLU B 105 22.46 40.19 -18.67
N GLY B 106 21.99 39.85 -17.46
CA GLY B 106 20.59 40.01 -17.07
C GLY B 106 19.62 38.97 -17.62
N VAL B 107 20.17 37.81 -18.03
CA VAL B 107 19.35 36.72 -18.51
C VAL B 107 18.95 35.78 -17.36
N LYS B 108 17.68 35.34 -17.36
CA LYS B 108 17.17 34.42 -16.37
C LYS B 108 17.54 33.03 -16.81
N VAL B 109 17.82 32.17 -15.84
CA VAL B 109 18.26 30.80 -16.12
C VAL B 109 17.48 29.70 -15.37
N LEU B 110 16.78 28.89 -16.14
CA LEU B 110 16.00 27.80 -15.60
C LEU B 110 16.62 26.45 -15.94
N ALA B 111 16.89 25.62 -14.95
CA ALA B 111 17.33 24.28 -15.25
C ALA B 111 16.12 23.39 -15.43
N TYR B 112 16.12 22.64 -16.51
CA TYR B 112 14.99 21.81 -16.88
C TYR B 112 15.32 20.32 -16.75
N ASP B 113 14.59 19.65 -15.86
CA ASP B 113 14.74 18.24 -15.51
C ASP B 113 16.03 17.84 -14.74
N ARG B 114 17.19 18.27 -15.23
CA ARG B 114 18.46 17.94 -14.57
C ARG B 114 19.10 19.14 -13.92
N LEU B 115 19.48 19.03 -12.67
CA LEU B 115 20.11 20.16 -11.99
C LEU B 115 21.46 20.52 -12.59
N ILE B 116 21.83 21.78 -12.50
CA ILE B 116 23.12 22.22 -12.98
C ILE B 116 23.83 22.64 -11.73
N ASN B 117 24.99 22.03 -11.52
CA ASN B 117 25.75 22.23 -10.30
C ASN B 117 26.77 23.38 -10.34
N ASN B 118 26.92 24.03 -9.19
CA ASN B 118 27.83 25.13 -9.00
C ASN B 118 27.51 26.28 -9.91
N ALA B 119 26.21 26.49 -10.11
CA ALA B 119 25.74 27.45 -11.08
C ALA B 119 24.69 28.34 -10.46
N ASP B 120 24.72 29.60 -10.88
CA ASP B 120 23.81 30.63 -10.42
C ASP B 120 22.47 30.51 -11.12
N LEU B 121 21.75 29.45 -10.81
CA LEU B 121 20.45 29.25 -11.37
C LEU B 121 19.44 30.14 -10.72
N ASP B 122 18.42 30.47 -11.48
CA ASP B 122 17.25 31.11 -10.93
C ASP B 122 16.27 30.08 -10.48
N PHE B 123 16.28 28.93 -11.13
CA PHE B 123 15.24 27.99 -10.84
C PHE B 123 15.48 26.64 -11.50
N TYR B 124 14.81 25.65 -10.95
CA TYR B 124 14.95 24.29 -11.34
C TYR B 124 13.59 23.62 -11.26
N VAL B 125 13.20 22.92 -12.34
CA VAL B 125 11.90 22.29 -12.37
C VAL B 125 12.11 20.85 -12.86
N SER B 126 11.45 19.89 -12.23
CA SER B 126 11.73 18.55 -12.53
C SER B 126 10.70 17.68 -11.82
N PHE B 127 10.88 16.36 -11.94
CA PHE B 127 10.22 15.44 -11.01
C PHE B 127 11.01 15.18 -9.73
N ASP B 128 10.36 14.56 -8.74
CA ASP B 128 11.05 14.17 -7.52
C ASP B 128 11.89 12.94 -7.84
N ASN B 129 13.09 13.20 -8.30
CA ASN B 129 13.97 12.17 -8.79
C ASN B 129 14.49 11.18 -7.73
N GLU B 130 14.76 11.62 -6.50
CA GLU B 130 15.06 10.70 -5.39
C GLU B 130 13.88 9.76 -5.14
N LYS B 131 12.68 10.33 -5.21
CA LYS B 131 11.45 9.52 -5.17
C LYS B 131 11.43 8.48 -6.27
N VAL B 132 11.68 8.90 -7.52
CA VAL B 132 11.78 7.96 -8.64
C VAL B 132 12.58 6.72 -8.28
N GLY B 133 13.75 6.91 -7.67
CA GLY B 133 14.69 5.84 -7.37
C GLY B 133 14.13 4.89 -6.33
N GLU B 134 13.55 5.49 -5.30
CA GLU B 134 12.86 4.76 -4.26
C GLU B 134 11.76 3.85 -4.83
N LEU B 135 10.90 4.40 -5.69
CA LEU B 135 9.83 3.61 -6.35
C LEU B 135 10.38 2.46 -7.15
N GLN B 136 11.44 2.72 -7.90
CA GLN B 136 12.12 1.66 -8.62
C GLN B 136 12.52 0.54 -7.68
N ALA B 137 13.22 0.83 -6.60
CA ALA B 137 13.76 -0.27 -5.78
C ALA B 137 12.65 -0.93 -4.98
N ASP B 138 11.62 -0.17 -4.62
CA ASP B 138 10.53 -0.75 -3.85
C ASP B 138 9.81 -1.78 -4.68
N ALA B 139 9.66 -1.48 -5.95
CA ALA B 139 9.00 -2.35 -6.91
C ALA B 139 9.81 -3.61 -7.16
N ILE B 140 11.13 -3.48 -7.16
CA ILE B 140 11.93 -4.64 -7.46
C ILE B 140 12.11 -5.49 -6.18
N ILE B 141 12.34 -4.87 -5.02
CA ILE B 141 12.62 -5.71 -3.84
C ILE B 141 11.40 -6.53 -3.50
N LYS B 142 10.23 -6.10 -3.92
CA LYS B 142 9.06 -6.90 -3.64
C LYS B 142 8.90 -7.99 -4.69
N GLU B 143 9.27 -7.72 -5.94
CA GLU B 143 9.34 -8.79 -6.93
C GLU B 143 10.45 -9.84 -6.60
N LYS B 144 11.51 -9.41 -5.93
CA LYS B 144 12.60 -10.31 -5.54
C LYS B 144 13.22 -9.91 -4.19
N PRO B 145 12.62 -10.32 -3.06
CA PRO B 145 13.16 -9.91 -1.75
C PRO B 145 14.50 -10.51 -1.36
N GLU B 146 14.97 -11.50 -2.11
CA GLU B 146 16.27 -12.10 -1.82
C GLU B 146 16.95 -12.36 -3.16
N GLY B 147 18.28 -12.39 -3.16
CA GLY B 147 19.03 -12.81 -4.34
C GLY B 147 20.16 -11.90 -4.76
N ASN B 148 20.67 -12.16 -5.96
CA ASN B 148 21.71 -11.33 -6.56
C ASN B 148 21.17 -10.11 -7.35
N TYR B 149 21.63 -8.91 -6.97
CA TYR B 149 21.31 -7.67 -7.65
C TYR B 149 22.47 -7.08 -8.46
N PHE B 150 22.11 -6.52 -9.60
CA PHE B 150 23.00 -5.72 -10.40
C PHE B 150 22.42 -4.33 -10.48
N LEU B 151 23.20 -3.34 -10.05
CA LEU B 151 22.69 -1.96 -10.08
C LEU B 151 23.22 -1.24 -11.31
N GLY B 153 23.13 2.26 -13.29
CA GLY B 153 22.85 3.68 -13.18
C GLY B 153 22.89 4.37 -14.52
N GLY B 154 22.42 5.60 -14.48
CA GLY B 154 22.46 6.47 -15.63
C GLY B 154 23.82 7.07 -15.87
N SER B 155 23.82 8.11 -16.71
CA SER B 155 25.03 8.77 -17.10
C SER B 155 25.68 9.35 -15.86
N PRO B 156 26.97 9.05 -15.68
CA PRO B 156 27.59 9.63 -14.48
C PRO B 156 27.66 11.15 -14.49
N VAL B 157 27.47 11.82 -15.63
CA VAL B 157 27.50 13.27 -15.66
C VAL B 157 26.10 13.89 -15.58
N ASP B 158 25.11 13.08 -15.24
CA ASP B 158 23.72 13.51 -15.02
C ASP B 158 23.39 13.47 -13.54
N ASN B 159 23.22 14.65 -12.94
CA ASN B 159 22.95 14.74 -11.51
C ASN B 159 21.76 13.85 -11.09
N ASN B 160 20.74 13.75 -11.94
CA ASN B 160 19.62 12.83 -11.70
C ASN B 160 20.04 11.37 -11.42
N ALA B 161 21.04 10.90 -12.16
CA ALA B 161 21.50 9.54 -11.94
C ALA B 161 21.95 9.34 -10.48
N LYS B 162 22.55 10.36 -9.86
CA LYS B 162 22.93 10.22 -8.42
C LYS B 162 21.66 10.22 -7.59
N LEU B 163 20.71 11.04 -8.01
CA LEU B 163 19.47 11.13 -7.29
C LEU B 163 18.74 9.81 -7.37
N PHE B 164 18.59 9.21 -8.56
CA PHE B 164 17.93 7.89 -8.59
C PHE B 164 18.60 6.87 -7.69
N ARG B 165 19.91 6.77 -7.82
CA ARG B 165 20.71 5.89 -7.02
C ARG B 165 20.51 6.14 -5.53
N LYS B 166 20.51 7.39 -5.13
CA LYS B 166 20.36 7.68 -3.74
C LYS B 166 19.03 7.12 -3.26
N GLY B 167 18.00 7.33 -4.06
CA GLY B 167 16.68 6.85 -3.72
C GLY B 167 16.61 5.33 -3.66
N GLN B 168 17.27 4.65 -4.61
CA GLN B 168 17.30 3.17 -4.63
C GLN B 168 17.95 2.61 -3.39
N LYS B 170 18.33 4.02 -0.36
CA LYS B 170 17.56 4.20 0.87
C LYS B 170 16.71 2.94 1.11
N VAL B 171 16.28 2.31 0.02
CA VAL B 171 15.47 1.12 0.10
C VAL B 171 16.34 -0.13 0.21
N LEU B 172 17.30 -0.26 -0.67
CA LEU B 172 18.08 -1.48 -0.77
C LEU B 172 19.12 -1.67 0.32
N GLN B 173 19.59 -0.60 0.94
CA GLN B 173 20.75 -0.71 1.82
C GLN B 173 20.46 -1.60 3.03
N PRO B 174 19.27 -1.46 3.63
CA PRO B 174 18.95 -2.37 4.73
C PRO B 174 18.96 -3.84 4.31
N LEU B 175 18.53 -4.14 3.08
CA LEU B 175 18.51 -5.54 2.65
C LEU B 175 19.90 -6.03 2.26
N ILE B 176 20.81 -5.11 1.96
CA ILE B 176 22.20 -5.51 1.77
C ILE B 176 22.84 -5.86 3.12
N ASP B 177 22.61 -4.98 4.09
CA ASP B 177 23.12 -5.12 5.45
C ASP B 177 22.52 -6.36 6.12
N SER B 178 21.23 -6.61 5.91
CA SER B 178 20.57 -7.78 6.49
C SER B 178 21.16 -9.06 5.94
N GLY B 179 21.69 -8.96 4.72
CA GLY B 179 22.30 -10.10 4.05
C GLY B 179 21.34 -10.80 3.08
N LYS B 180 20.07 -10.36 3.04
CA LYS B 180 19.05 -10.94 2.14
C LYS B 180 19.38 -10.64 0.66
N ILE B 181 20.08 -9.53 0.41
CA ILE B 181 20.38 -9.04 -0.95
C ILE B 181 21.88 -8.97 -1.15
N LYS B 182 22.32 -9.33 -2.35
CA LYS B 182 23.72 -9.19 -2.68
C LYS B 182 23.90 -8.42 -3.99
N VAL B 183 24.65 -7.33 -3.92
CA VAL B 183 25.04 -6.61 -5.11
C VAL B 183 26.22 -7.31 -5.73
N VAL B 184 26.03 -7.80 -6.95
CA VAL B 184 27.06 -8.55 -7.69
C VAL B 184 27.71 -7.70 -8.77
N GLY B 185 27.20 -6.49 -8.94
CA GLY B 185 27.84 -5.51 -9.80
C GLY B 185 27.09 -4.23 -9.80
N ASP B 186 27.80 -3.15 -10.12
CA ASP B 186 27.09 -1.94 -10.51
C ASP B 186 27.93 -1.01 -11.37
N GLN B 187 27.31 -0.59 -12.45
CA GLN B 187 27.96 0.23 -13.44
C GLN B 187 27.07 1.41 -13.78
N TRP B 188 27.69 2.52 -14.15
CA TRP B 188 26.96 3.64 -14.71
C TRP B 188 27.01 3.49 -16.22
N VAL B 189 25.93 3.89 -16.90
CA VAL B 189 25.81 3.81 -18.35
C VAL B 189 26.02 5.14 -19.04
N ASP B 190 27.15 5.29 -19.74
CA ASP B 190 27.49 6.59 -20.34
C ASP B 190 26.34 7.04 -21.20
N SER B 191 25.95 8.29 -20.99
CA SER B 191 24.97 8.97 -21.81
C SER B 191 23.59 8.30 -21.90
N TRP B 192 23.28 7.41 -20.96
CA TRP B 192 22.06 6.60 -21.00
C TRP B 192 21.89 5.80 -22.30
N LEU B 193 22.98 5.37 -22.91
CA LEU B 193 22.91 4.63 -24.20
C LEU B 193 22.55 3.16 -23.99
N ALA B 194 21.44 2.76 -24.60
CA ALA B 194 20.99 1.38 -24.66
C ALA B 194 22.07 0.39 -25.13
N GLU B 195 22.90 0.82 -26.06
CA GLU B 195 23.86 -0.12 -26.63
C GLU B 195 25.01 -0.33 -25.64
N LYS B 196 25.31 0.70 -24.86
CA LYS B 196 26.27 0.51 -23.77
C LYS B 196 25.68 -0.36 -22.64
N ALA B 197 24.41 -0.13 -22.29
CA ALA B 197 23.70 -0.98 -21.36
C ALA B 197 23.74 -2.44 -21.74
N LEU B 198 23.66 -2.71 -23.03
CA LEU B 198 23.54 -4.05 -23.49
C LEU B 198 24.85 -4.72 -23.21
N GLN B 199 25.93 -4.03 -23.57
CA GLN B 199 27.27 -4.55 -23.35
C GLN B 199 27.54 -4.76 -21.86
N ILE B 200 27.29 -3.73 -21.04
CA ILE B 200 27.43 -3.88 -19.58
C ILE B 200 26.71 -5.13 -19.07
N GLU B 202 25.42 -7.84 -20.65
CA GLU B 202 25.98 -9.05 -21.20
C GLU B 202 27.25 -9.41 -20.42
N ASN B 203 28.12 -8.43 -20.24
CA ASN B 203 29.34 -8.69 -19.52
C ASN B 203 29.10 -9.18 -18.10
N ALA B 204 28.09 -8.63 -17.42
CA ALA B 204 27.87 -9.00 -16.03
C ALA B 204 27.30 -10.42 -15.89
N LEU B 205 26.48 -10.79 -16.87
CA LEU B 205 25.85 -12.10 -16.90
C LEU B 205 26.94 -13.14 -17.11
N THR B 206 27.89 -12.83 -17.97
CA THR B 206 28.99 -13.73 -18.20
C THR B 206 29.86 -13.79 -16.94
N ALA B 207 30.12 -12.66 -16.32
CA ALA B 207 30.98 -12.61 -15.16
C ALA B 207 30.35 -13.41 -14.04
N ASN B 208 29.02 -13.40 -14.00
CA ASN B 208 28.26 -13.98 -12.90
C ASN B 208 27.61 -15.33 -13.22
N LYS B 209 28.03 -15.94 -14.33
CA LYS B 209 27.46 -17.21 -14.79
C LYS B 209 25.93 -17.22 -14.75
N ASN B 210 25.33 -16.09 -15.09
CA ASN B 210 23.88 -15.90 -15.21
C ASN B 210 23.13 -15.92 -13.88
N ASN B 211 23.86 -15.91 -12.76
CA ASN B 211 23.18 -15.89 -11.43
C ASN B 211 22.93 -14.46 -11.01
N ILE B 212 21.92 -13.88 -11.64
CA ILE B 212 21.44 -12.54 -11.35
C ILE B 212 19.92 -12.59 -11.33
N ASP B 213 19.33 -12.05 -10.28
CA ASP B 213 17.89 -12.16 -10.06
C ASP B 213 17.15 -10.84 -10.33
N ALA B 214 17.89 -9.75 -10.27
CA ALA B 214 17.27 -8.44 -10.33
C ALA B 214 18.26 -7.41 -10.83
N VAL B 215 17.79 -6.58 -11.74
CA VAL B 215 18.58 -5.49 -12.27
C VAL B 215 17.86 -4.21 -11.89
N VAL B 216 18.47 -3.39 -11.02
CA VAL B 216 17.89 -2.07 -10.77
C VAL B 216 18.46 -1.10 -11.80
N ALA B 217 17.78 -1.00 -12.95
CA ALA B 217 18.14 -0.03 -13.98
C ALA B 217 17.38 1.27 -13.76
N SER B 218 17.97 2.36 -14.22
CA SER B 218 17.47 3.69 -13.94
C SER B 218 16.61 4.30 -15.04
N ASN B 219 16.62 3.77 -16.27
CA ASN B 219 15.59 4.24 -17.21
C ASN B 219 15.27 3.22 -18.27
N ASP B 220 14.28 3.51 -19.09
CA ASP B 220 13.69 2.49 -19.93
C ASP B 220 14.61 2.07 -21.09
N ALA B 221 15.36 3.03 -21.64
CA ALA B 221 16.27 2.80 -22.74
C ALA B 221 17.37 1.83 -22.28
N THR B 222 17.87 2.03 -21.08
CA THR B 222 18.90 1.16 -20.54
C THR B 222 18.30 -0.16 -20.11
N ALA B 223 17.10 -0.13 -19.56
CA ALA B 223 16.42 -1.37 -19.24
C ALA B 223 16.24 -2.23 -20.51
N GLY B 224 15.97 -1.58 -21.65
CA GLY B 224 15.75 -2.28 -22.92
C GLY B 224 17.02 -2.97 -23.40
N GLY B 225 18.14 -2.26 -23.30
CA GLY B 225 19.44 -2.84 -23.56
C GLY B 225 19.67 -4.09 -22.74
N ALA B 226 19.57 -3.94 -21.42
CA ALA B 226 19.82 -5.03 -20.49
C ALA B 226 18.93 -6.24 -20.81
N ILE B 227 17.70 -5.96 -21.22
CA ILE B 227 16.77 -7.02 -21.52
C ILE B 227 17.17 -7.80 -22.77
N GLN B 228 17.66 -7.10 -23.80
CA GLN B 228 18.20 -7.80 -24.96
C GLN B 228 19.32 -8.77 -24.57
N ALA B 229 20.19 -8.35 -23.64
CA ALA B 229 21.27 -9.24 -23.18
C ALA B 229 20.72 -10.44 -22.42
N LEU B 230 19.68 -10.19 -21.62
CA LEU B 230 18.96 -11.21 -20.86
C LEU B 230 18.30 -12.25 -21.75
N SER B 231 17.70 -11.84 -22.85
CA SER B 231 16.90 -12.80 -23.61
C SER B 231 17.85 -13.68 -24.44
N ALA B 232 19.02 -13.15 -24.75
CA ALA B 232 20.11 -13.92 -25.34
C ALA B 232 20.50 -15.08 -24.49
N GLN B 233 20.42 -14.91 -23.17
CA GLN B 233 20.57 -16.02 -22.24
C GLN B 233 19.26 -16.75 -21.83
N GLY B 234 18.15 -16.56 -22.56
CA GLY B 234 16.87 -17.10 -22.15
C GLY B 234 16.48 -16.79 -20.70
N LEU B 235 16.63 -15.54 -20.28
CA LEU B 235 16.39 -15.12 -18.90
C LEU B 235 15.42 -13.96 -18.74
N SER B 236 14.96 -13.40 -19.85
CA SER B 236 14.06 -12.26 -19.77
C SER B 236 12.71 -12.79 -19.39
N GLY B 237 12.04 -12.13 -18.46
CA GLY B 237 10.79 -12.62 -17.94
C GLY B 237 11.02 -13.25 -16.56
N LYS B 238 12.27 -13.62 -16.29
CA LYS B 238 12.64 -14.30 -15.05
C LYS B 238 13.41 -13.34 -14.15
N VAL B 239 14.09 -12.42 -14.78
CA VAL B 239 14.91 -11.45 -14.08
C VAL B 239 14.14 -10.15 -13.93
N ALA B 240 13.88 -9.74 -12.68
CA ALA B 240 13.14 -8.51 -12.40
C ALA B 240 13.97 -7.34 -12.82
N ILE B 241 13.36 -6.42 -13.55
CA ILE B 241 14.09 -5.22 -13.97
C ILE B 241 13.24 -3.92 -13.95
N SER B 242 13.84 -2.83 -13.45
CA SER B 242 13.17 -1.53 -13.35
C SER B 242 13.50 -0.62 -14.51
N GLY B 243 12.69 0.43 -14.67
CA GLY B 243 12.96 1.45 -15.66
C GLY B 243 12.27 2.77 -15.30
N GLN B 244 12.14 3.63 -16.30
CA GLN B 244 11.68 5.01 -16.12
C GLN B 244 11.48 5.66 -17.47
N ASP B 245 10.33 6.32 -17.60
CA ASP B 245 9.94 7.30 -18.65
C ASP B 245 8.62 6.89 -19.33
N ALA B 246 8.16 5.66 -19.07
CA ALA B 246 7.01 5.11 -19.79
C ALA B 246 7.12 5.22 -21.31
N ASP B 247 8.29 4.89 -21.86
CA ASP B 247 8.46 4.78 -23.30
C ASP B 247 7.50 3.74 -23.87
N LEU B 248 7.02 3.93 -25.11
CA LEU B 248 6.11 2.94 -25.66
C LEU B 248 6.69 1.53 -25.58
N ALA B 249 7.99 1.41 -25.88
CA ALA B 249 8.62 0.09 -25.98
C ALA B 249 8.56 -0.58 -24.62
N ALA B 250 8.78 0.21 -23.58
CA ALA B 250 8.82 -0.31 -22.23
C ALA B 250 7.40 -0.71 -21.77
N ILE B 251 6.41 0.07 -22.16
CA ILE B 251 5.05 -0.28 -21.76
C ILE B 251 4.74 -1.63 -22.38
N LYS B 252 5.13 -1.82 -23.63
CA LYS B 252 4.86 -3.10 -24.29
C LYS B 252 5.61 -4.23 -23.56
N ARG B 253 6.86 -4.00 -23.17
CA ARG B 253 7.62 -4.99 -22.41
C ARG B 253 6.96 -5.37 -21.08
N ILE B 254 6.35 -4.38 -20.43
CA ILE B 254 5.67 -4.59 -19.16
C ILE B 254 4.42 -5.43 -19.35
N VAL B 255 3.78 -5.27 -20.51
CA VAL B 255 2.64 -6.09 -20.88
C VAL B 255 3.11 -7.52 -21.14
N GLU B 256 4.24 -7.68 -21.82
CA GLU B 256 4.72 -9.01 -22.20
C GLU B 256 5.44 -9.70 -21.05
N GLY B 257 5.57 -9.00 -19.93
CA GLY B 257 6.22 -9.56 -18.76
C GLY B 257 7.74 -9.50 -18.72
N THR B 258 8.41 -8.88 -19.70
CA THR B 258 9.89 -8.89 -19.71
C THR B 258 10.51 -7.73 -18.92
N GLN B 259 9.70 -6.71 -18.61
CA GLN B 259 10.11 -5.63 -17.71
C GLN B 259 9.12 -5.53 -16.55
N THR B 260 9.64 -5.32 -15.35
CA THR B 260 8.81 -5.41 -14.14
C THR B 260 7.91 -4.17 -13.99
N THR B 262 7.81 0.50 -14.60
CA THR B 262 8.45 1.75 -15.06
C THR B 262 7.83 2.89 -14.25
N VAL B 263 8.50 4.03 -14.20
CA VAL B 263 7.99 5.22 -13.53
C VAL B 263 7.49 6.24 -14.57
N TYR B 264 6.20 6.53 -14.50
CA TYR B 264 5.57 7.45 -15.42
C TYR B 264 5.73 8.87 -14.89
N LYS B 265 6.15 9.73 -15.81
CA LYS B 265 6.46 11.13 -15.54
C LYS B 265 5.74 12.00 -16.53
N PRO B 266 4.51 12.43 -16.22
CA PRO B 266 3.67 13.18 -17.18
C PRO B 266 4.43 14.36 -17.74
N ILE B 267 4.82 14.24 -18.99
CA ILE B 267 5.68 15.23 -19.60
C ILE B 267 4.93 16.53 -19.85
N THR B 268 3.64 16.42 -20.09
CA THR B 268 2.81 17.59 -20.29
C THR B 268 2.84 18.51 -19.06
N ASN B 269 2.56 17.96 -17.89
CA ASN B 269 2.59 18.73 -16.66
C ASN B 269 3.94 19.41 -16.39
N LEU B 270 5.05 18.72 -16.71
CA LEU B 270 6.37 19.29 -16.55
C LEU B 270 6.65 20.41 -17.58
N ALA B 271 6.42 20.14 -18.85
CA ALA B 271 6.76 21.12 -19.88
C ALA B 271 5.96 22.36 -19.68
N ASP B 272 4.65 22.20 -19.43
CA ASP B 272 3.74 23.33 -19.29
C ASP B 272 4.13 24.17 -18.10
N LYS B 273 4.55 23.50 -17.04
CA LYS B 273 4.95 24.19 -15.83
C LYS B 273 6.22 24.97 -16.12
N ALA B 274 7.18 24.32 -16.78
CA ALA B 274 8.41 24.96 -17.23
C ALA B 274 8.17 26.21 -18.07
N ALA B 275 7.20 26.15 -18.98
CA ALA B 275 6.90 27.35 -19.76
C ALA B 275 6.32 28.44 -18.86
N GLU B 276 5.47 28.08 -17.91
CA GLU B 276 4.87 29.11 -17.07
C GLU B 276 5.96 29.75 -16.22
N LEU B 277 6.80 28.92 -15.62
CA LEU B 277 7.97 29.41 -14.89
C LEU B 277 8.87 30.33 -15.72
N SER B 278 9.14 29.96 -16.97
CA SER B 278 10.04 30.73 -17.83
C SER B 278 9.55 32.12 -18.07
N VAL B 279 8.30 32.19 -18.51
CA VAL B 279 7.65 33.44 -18.83
C VAL B 279 7.51 34.28 -17.59
N ALA B 280 7.24 33.66 -16.46
CA ALA B 280 7.11 34.42 -15.22
C ALA B 280 8.44 35.01 -14.85
N LEU B 281 9.53 34.24 -15.03
CA LEU B 281 10.88 34.75 -14.83
C LEU B 281 11.18 35.90 -15.73
N GLY B 282 10.84 35.73 -17.01
CA GLY B 282 10.94 36.83 -17.97
C GLY B 282 10.22 38.11 -17.57
N LYS B 283 9.10 38.00 -16.87
CA LYS B 283 8.33 39.18 -16.50
C LYS B 283 8.61 39.60 -15.06
N GLU B 284 9.68 39.04 -14.48
CA GLU B 284 10.06 39.32 -13.09
C GLU B 284 8.90 39.16 -12.09
N GLU B 285 8.04 38.16 -12.34
CA GLU B 285 6.96 37.75 -11.42
C GLU B 285 7.53 36.81 -10.37
N LYS B 286 6.99 36.81 -9.15
CA LYS B 286 7.55 35.92 -8.12
C LYS B 286 6.97 34.53 -8.25
N LEU B 287 7.86 33.56 -8.18
CA LEU B 287 7.54 32.16 -8.32
C LEU B 287 7.19 31.53 -6.95
N GLU B 288 6.67 30.31 -6.94
CA GLU B 288 6.41 29.59 -5.68
C GLU B 288 7.02 28.20 -5.81
N PRO B 289 8.23 28.02 -5.27
CA PRO B 289 8.87 26.70 -5.21
C PRO B 289 8.27 25.80 -4.09
N ASN B 290 8.25 24.49 -4.30
CA ASN B 290 7.90 23.57 -3.23
C ASN B 290 9.15 22.85 -2.71
N ALA B 291 10.32 23.35 -3.13
CA ALA B 291 11.55 22.70 -2.77
C ALA B 291 12.72 23.66 -2.92
N LYS B 292 13.82 23.32 -2.26
CA LYS B 292 15.12 23.98 -2.42
C LYS B 292 16.20 22.90 -2.49
N LEU B 293 17.02 22.99 -3.52
CA LEU B 293 18.11 22.04 -3.72
C LEU B 293 19.40 22.80 -3.75
N ASN B 294 20.27 22.48 -2.81
CA ASN B 294 21.63 22.95 -2.87
C ASN B 294 22.31 22.33 -4.06
N ASN B 295 22.85 23.16 -4.95
CA ASN B 295 23.66 22.69 -6.07
C ASN B 295 25.16 22.93 -5.87
N GLY B 296 25.55 23.29 -4.65
CA GLY B 296 26.96 23.48 -4.30
C GLY B 296 27.45 24.92 -4.36
N LEU B 297 26.67 25.80 -4.97
CA LEU B 297 26.90 27.24 -4.94
C LEU B 297 25.83 27.87 -4.08
N LYS B 298 24.58 27.48 -4.32
CA LYS B 298 23.45 28.10 -3.65
C LYS B 298 22.30 27.14 -3.44
N GLU B 299 21.42 27.52 -2.52
CA GLU B 299 20.09 26.92 -2.39
C GLU B 299 19.29 27.34 -3.60
N VAL B 300 19.13 26.44 -4.56
CA VAL B 300 18.35 26.77 -5.76
C VAL B 300 16.90 26.47 -5.51
N ASP B 301 16.00 27.41 -5.77
CA ASP B 301 14.62 27.06 -5.50
C ASP B 301 14.02 26.37 -6.70
N ALA B 302 13.19 25.41 -6.38
CA ALA B 302 12.70 24.44 -7.34
C ALA B 302 11.22 24.11 -7.15
N TYR B 303 10.63 23.59 -8.20
CA TYR B 303 9.34 22.94 -8.15
C TYR B 303 9.51 21.51 -8.64
N LEU B 304 9.17 20.57 -7.77
CA LEU B 304 9.26 19.16 -8.08
C LEU B 304 7.89 18.56 -8.28
N LEU B 305 7.70 17.77 -9.36
CA LEU B 305 6.40 17.12 -9.60
C LEU B 305 6.49 15.67 -9.18
N ASP B 306 5.35 14.97 -9.17
CA ASP B 306 5.31 13.63 -8.55
C ASP B 306 5.27 12.50 -9.59
N PRO B 307 6.24 11.57 -9.50
CA PRO B 307 6.29 10.43 -10.42
C PRO B 307 5.19 9.42 -10.13
N ILE B 308 4.99 8.44 -11.01
CA ILE B 308 3.90 7.49 -10.90
C ILE B 308 4.33 6.07 -11.29
N VAL B 309 4.37 5.17 -10.32
CA VAL B 309 4.66 3.77 -10.58
C VAL B 309 3.58 3.17 -11.53
N VAL B 310 4.07 2.55 -12.63
CA VAL B 310 3.26 1.93 -13.67
C VAL B 310 3.66 0.43 -13.78
N THR B 311 2.69 -0.47 -13.69
CA THR B 311 2.96 -1.91 -13.68
C THR B 311 1.96 -2.54 -14.64
N LYS B 312 2.00 -3.85 -14.83
CA LYS B 312 1.01 -4.51 -15.68
C LYS B 312 -0.42 -4.16 -15.23
N ASP B 313 -0.61 -3.99 -13.93
CA ASP B 313 -1.94 -3.88 -13.34
C ASP B 313 -2.59 -2.50 -13.48
N ASN B 314 -1.82 -1.43 -13.69
CA ASN B 314 -2.41 -0.08 -13.78
C ASN B 314 -2.05 0.71 -15.04
N ILE B 315 -1.61 0.00 -16.08
CA ILE B 315 -1.28 0.61 -17.35
C ILE B 315 -2.48 1.37 -17.91
N ASP B 316 -3.66 0.80 -17.67
CA ASP B 316 -4.93 1.42 -18.06
C ASP B 316 -5.31 2.63 -17.19
N SER B 317 -5.05 2.56 -15.88
CA SER B 317 -5.30 3.70 -14.96
C SER B 317 -4.43 4.92 -15.23
N THR B 318 -3.29 4.71 -15.89
CA THR B 318 -2.27 5.74 -15.89
C THR B 318 -1.99 6.29 -17.25
N VAL B 319 -1.14 5.61 -17.99
CA VAL B 319 -0.65 6.18 -19.21
C VAL B 319 -1.71 6.13 -20.29
N ILE B 320 -2.60 5.14 -20.24
CA ILE B 320 -3.66 5.06 -21.27
C ILE B 320 -4.78 6.04 -20.93
N LYS B 321 -5.20 6.06 -19.66
CA LYS B 321 -6.18 7.03 -19.20
C LYS B 321 -5.78 8.50 -19.49
N ASP B 322 -4.50 8.81 -19.31
CA ASP B 322 -3.95 10.18 -19.47
C ASP B 322 -3.78 10.56 -20.93
N GLY B 323 -3.87 9.56 -21.79
CA GLY B 323 -3.60 9.75 -23.19
C GLY B 323 -2.13 9.81 -23.58
N PHE B 324 -1.22 9.41 -22.68
CA PHE B 324 0.22 9.41 -23.01
C PHE B 324 0.48 8.44 -24.15
N HIS B 325 -0.12 7.24 -24.05
CA HIS B 325 -0.20 6.26 -25.13
C HIS B 325 -1.62 5.78 -25.29
N SER B 326 -2.00 5.49 -26.52
CA SER B 326 -3.30 4.93 -26.78
C SER B 326 -3.33 3.44 -26.46
N LYS B 327 -4.54 2.97 -26.22
CA LYS B 327 -4.81 1.56 -26.01
C LYS B 327 -4.35 0.76 -27.25
N GLU B 328 -4.53 1.31 -28.45
CA GLU B 328 -4.11 0.66 -29.70
C GLU B 328 -2.58 0.59 -29.83
N ALA B 329 -1.91 1.68 -29.51
CA ALA B 329 -0.46 1.74 -29.51
C ALA B 329 0.09 0.60 -28.65
N VAL B 330 -0.44 0.49 -27.45
CA VAL B 330 0.04 -0.51 -26.52
C VAL B 330 -0.28 -1.90 -27.03
N TYR B 331 -1.55 -2.15 -27.37
CA TYR B 331 -2.00 -3.45 -27.89
C TYR B 331 -2.30 -3.39 -29.40
#